data_1NXM
#
_entry.id   1NXM
#
_cell.length_a   45.671
_cell.length_b   81.624
_cell.length_c   52.098
_cell.angle_alpha   90.00
_cell.angle_beta   108.80
_cell.angle_gamma   90.00
#
_symmetry.space_group_name_H-M   'P 1 21 1'
#
loop_
_entity.id
_entity.type
_entity.pdbx_description
1 polymer 'dTDP-6-deoxy-D-xylo-4-hexulose 3,5-epimerase'
2 water water
#
_entity_poly.entity_id   1
_entity_poly.type   'polypeptide(L)'
_entity_poly.pdbx_seq_one_letter_code
;MTENFFGKTLAARPVEAIPGMLEFDIPVHGDNRGWFKENFQKEKMLPLGFPESFFAEGKLQNNVSFSRKNVLRGLHAEPW
DKYISVADGGKVLGTWVDLREGETFGNTYQTVIDASKSIFVPRGVANGFQVLSDFVAYSYLVNDYWALELKPKYAFVNYA
DPSLDIKWENLEEAEVSEADENHPFLKDVKPLRKEDL
;
_entity_poly.pdbx_strand_id   A,B
#
# COMPACT_ATOMS: atom_id res chain seq x y z
N ASN A 4 6.78 -19.94 8.22
CA ASN A 4 5.40 -19.40 8.39
C ASN A 4 5.26 -18.00 7.80
N PHE A 5 5.69 -17.88 6.55
CA PHE A 5 5.66 -16.59 5.87
C PHE A 5 5.13 -16.76 4.45
N PHE A 6 5.72 -17.67 3.68
CA PHE A 6 5.36 -17.83 2.27
C PHE A 6 4.25 -18.85 2.04
N GLY A 7 3.43 -18.63 1.02
CA GLY A 7 2.53 -19.66 0.54
C GLY A 7 1.26 -19.87 1.33
N LYS A 8 0.91 -18.97 2.23
CA LYS A 8 -0.33 -19.14 3.02
C LYS A 8 -1.56 -19.05 2.12
N THR A 9 -2.62 -19.72 2.55
CA THR A 9 -3.93 -19.55 1.96
C THR A 9 -4.55 -18.27 2.51
N LEU A 10 -5.14 -17.50 1.63
CA LEU A 10 -5.88 -16.31 2.03
C LEU A 10 -7.03 -16.71 2.98
N ALA A 11 -7.04 -16.10 4.16
CA ALA A 11 -7.98 -16.50 5.21
C ALA A 11 -8.14 -15.36 6.20
N ALA A 12 -9.24 -15.38 6.95
CA ALA A 12 -9.51 -14.40 7.98
C ALA A 12 -9.93 -15.09 9.26
N ARG A 13 -9.49 -14.56 10.39
CA ARG A 13 -9.91 -15.00 11.72
C ARG A 13 -10.35 -13.79 12.52
N PRO A 14 -11.52 -13.83 13.10
CA PRO A 14 -11.89 -12.80 14.07
C PRO A 14 -11.00 -12.84 15.29
N VAL A 15 -10.84 -11.69 15.91
CA VAL A 15 -10.13 -11.56 17.18
C VAL A 15 -11.24 -11.50 18.22
N GLU A 16 -11.42 -12.58 18.97
N GLU A 16 -11.43 -12.59 18.95
CA GLU A 16 -12.57 -12.68 19.85
CA GLU A 16 -12.53 -12.70 19.90
C GLU A 16 -12.64 -11.62 20.96
C GLU A 16 -12.63 -11.51 20.85
N ALA A 17 -11.48 -11.13 21.41
CA ALA A 17 -11.45 -10.12 22.47
C ALA A 17 -11.87 -8.72 21.99
N ILE A 18 -11.81 -8.48 20.68
CA ILE A 18 -12.07 -7.16 20.12
C ILE A 18 -13.05 -7.28 18.95
N PRO A 19 -14.34 -7.17 19.24
CA PRO A 19 -15.37 -7.33 18.21
C PRO A 19 -15.09 -6.47 16.99
N GLY A 20 -15.24 -7.07 15.81
CA GLY A 20 -15.02 -6.38 14.56
C GLY A 20 -13.62 -6.49 13.99
N MET A 21 -12.66 -6.82 14.84
N MET A 21 -12.64 -6.76 14.83
CA MET A 21 -11.28 -6.98 14.44
CA MET A 21 -11.29 -6.94 14.31
C MET A 21 -11.08 -8.28 13.66
C MET A 21 -11.16 -8.26 13.58
N LEU A 22 -10.37 -8.24 12.53
CA LEU A 22 -10.06 -9.43 11.75
C LEU A 22 -8.59 -9.51 11.47
N GLU A 23 -8.02 -10.69 11.60
CA GLU A 23 -6.65 -10.95 11.18
C GLU A 23 -6.66 -11.78 9.91
N PHE A 24 -5.92 -11.34 8.90
CA PHE A 24 -5.82 -12.03 7.64
C PHE A 24 -4.46 -12.64 7.42
N ASP A 25 -4.46 -13.88 6.95
CA ASP A 25 -3.29 -14.46 6.30
C ASP A 25 -3.29 -14.07 4.83
N ILE A 26 -2.15 -13.55 4.37
CA ILE A 26 -1.99 -13.07 3.01
C ILE A 26 -1.00 -13.98 2.29
N PRO A 27 -1.37 -14.49 1.12
CA PRO A 27 -0.41 -15.28 0.34
C PRO A 27 0.75 -14.43 -0.17
N VAL A 28 1.96 -14.84 0.19
CA VAL A 28 3.19 -14.21 -0.29
C VAL A 28 4.00 -15.27 -1.02
N HIS A 29 4.36 -14.97 -2.26
CA HIS A 29 5.00 -15.94 -3.13
C HIS A 29 6.39 -15.52 -3.48
N GLY A 30 7.36 -16.38 -3.19
CA GLY A 30 8.77 -16.15 -3.45
C GLY A 30 9.63 -16.68 -2.33
N ASP A 31 10.70 -15.96 -2.04
CA ASP A 31 11.62 -16.33 -0.98
C ASP A 31 12.36 -15.09 -0.51
N ASN A 32 13.44 -15.26 0.24
CA ASN A 32 14.23 -14.14 0.78
C ASN A 32 14.71 -13.15 -0.29
N ARG A 33 14.89 -13.63 -1.51
CA ARG A 33 15.39 -12.79 -2.60
C ARG A 33 14.35 -11.86 -3.20
N GLY A 34 13.08 -12.15 -2.98
CA GLY A 34 12.04 -11.35 -3.58
C GLY A 34 10.72 -12.10 -3.59
N TRP A 35 9.63 -11.36 -3.57
CA TRP A 35 8.30 -11.95 -3.53
C TRP A 35 7.23 -11.01 -4.00
N PHE A 36 6.03 -11.55 -4.11
N PHE A 36 6.02 -11.51 -4.08
CA PHE A 36 4.83 -10.85 -4.57
CA PHE A 36 4.87 -10.67 -4.44
C PHE A 36 3.66 -11.17 -3.63
C PHE A 36 3.65 -11.17 -3.70
N LYS A 37 2.73 -10.24 -3.48
CA LYS A 37 1.46 -10.52 -2.83
C LYS A 37 0.36 -9.63 -3.36
N GLU A 38 -0.86 -10.14 -3.25
CA GLU A 38 -2.05 -9.32 -3.33
C GLU A 38 -2.39 -8.93 -1.90
N ASN A 39 -1.94 -7.76 -1.49
CA ASN A 39 -2.14 -7.28 -0.14
C ASN A 39 -3.59 -7.01 0.24
N PHE A 40 -4.38 -6.55 -0.71
CA PHE A 40 -5.80 -6.31 -0.53
C PHE A 40 -6.49 -6.65 -1.83
N GLN A 41 -7.59 -7.37 -1.75
CA GLN A 41 -8.36 -7.73 -2.92
C GLN A 41 -9.84 -7.71 -2.51
N LYS A 42 -10.55 -6.66 -2.88
CA LYS A 42 -11.87 -6.38 -2.30
C LYS A 42 -12.87 -7.53 -2.55
N GLU A 43 -12.87 -8.06 -3.77
CA GLU A 43 -13.79 -9.13 -4.15
C GLU A 43 -13.58 -10.42 -3.37
N LYS A 44 -12.34 -10.75 -3.05
N LYS A 44 -12.31 -10.78 -3.13
CA LYS A 44 -12.07 -11.91 -2.25
CA LYS A 44 -11.91 -12.01 -2.40
C LYS A 44 -12.21 -11.65 -0.76
C LYS A 44 -12.04 -11.83 -0.89
N MET A 45 -11.95 -10.42 -0.30
N MET A 45 -12.01 -10.57 -0.45
CA MET A 45 -11.92 -10.22 1.15
CA MET A 45 -11.94 -10.20 0.97
C MET A 45 -13.31 -9.95 1.72
C MET A 45 -13.30 -10.06 1.63
N LEU A 46 -14.24 -9.46 0.92
CA LEU A 46 -15.62 -9.28 1.41
C LEU A 46 -16.21 -10.62 1.93
N PRO A 47 -16.14 -11.70 1.14
CA PRO A 47 -16.70 -12.98 1.66
C PRO A 47 -15.98 -13.57 2.89
N LEU A 48 -14.74 -13.15 3.14
CA LEU A 48 -14.02 -13.55 4.35
C LEU A 48 -14.38 -12.74 5.58
N GLY A 49 -15.21 -11.71 5.40
CA GLY A 49 -15.71 -10.92 6.49
C GLY A 49 -15.22 -9.48 6.51
N PHE A 50 -14.37 -9.07 5.58
CA PHE A 50 -14.00 -7.66 5.51
C PHE A 50 -15.29 -6.85 5.35
N PRO A 51 -15.57 -5.86 6.21
CA PRO A 51 -16.92 -5.27 6.23
C PRO A 51 -17.25 -4.38 5.05
N GLU A 52 -18.42 -4.59 4.45
CA GLU A 52 -18.91 -3.69 3.40
C GLU A 52 -18.96 -2.24 3.87
N SER A 53 -19.19 -2.00 5.16
CA SER A 53 -19.29 -0.65 5.69
C SER A 53 -18.01 0.13 5.47
N PHE A 54 -16.89 -0.55 5.31
CA PHE A 54 -15.63 0.16 5.03
C PHE A 54 -15.75 1.06 3.80
N PHE A 55 -16.51 0.59 2.80
CA PHE A 55 -16.65 1.23 1.52
C PHE A 55 -17.86 2.12 1.35
N ALA A 56 -18.66 2.25 2.40
CA ALA A 56 -19.97 2.87 2.27
C ALA A 56 -19.99 4.31 1.78
N GLU A 57 -18.94 5.08 2.07
CA GLU A 57 -18.91 6.50 1.69
C GLU A 57 -17.99 6.75 0.50
N GLY A 58 -17.36 5.72 -0.02
CA GLY A 58 -16.46 5.90 -1.16
C GLY A 58 -15.20 6.70 -0.83
N LYS A 59 -14.74 6.63 0.41
CA LYS A 59 -13.55 7.36 0.82
C LYS A 59 -12.38 6.41 0.95
N LEU A 60 -11.20 6.86 0.52
CA LEU A 60 -10.03 6.00 0.50
C LEU A 60 -8.77 6.82 0.66
N GLN A 61 -7.93 6.38 1.57
CA GLN A 61 -6.60 6.94 1.76
C GLN A 61 -5.65 5.82 2.15
N ASN A 62 -4.45 5.86 1.58
CA ASN A 62 -3.37 4.92 1.91
C ASN A 62 -2.22 5.73 2.46
N ASN A 63 -1.86 5.46 3.71
CA ASN A 63 -0.71 6.08 4.34
C ASN A 63 0.40 5.05 4.45
N VAL A 64 1.64 5.54 4.40
CA VAL A 64 2.80 4.69 4.59
C VAL A 64 3.76 5.37 5.54
N SER A 65 4.25 4.62 6.52
N SER A 65 4.20 4.61 6.54
CA SER A 65 5.37 5.11 7.30
CA SER A 65 5.30 4.98 7.44
C SER A 65 6.51 4.12 7.23
C SER A 65 6.51 4.10 7.09
N PHE A 66 7.69 4.69 7.18
CA PHE A 66 8.94 3.93 7.10
C PHE A 66 9.67 4.23 8.40
N SER A 67 9.92 3.19 9.20
CA SER A 67 10.40 3.37 10.57
C SER A 67 11.48 2.38 10.90
N ARG A 68 12.33 2.76 11.84
CA ARG A 68 13.45 1.94 12.25
C ARG A 68 13.20 1.14 13.52
N LYS A 69 14.05 0.14 13.74
CA LYS A 69 13.98 -0.73 14.90
C LYS A 69 13.76 0.06 16.18
N ASN A 70 12.86 -0.46 16.99
CA ASN A 70 12.51 0.04 18.34
C ASN A 70 11.60 1.25 18.37
N VAL A 71 11.32 1.87 17.24
CA VAL A 71 10.27 2.88 17.16
C VAL A 71 8.99 2.26 17.66
N LEU A 72 8.30 2.99 18.52
CA LEU A 72 7.07 2.50 19.13
C LEU A 72 6.08 3.65 19.01
N ARG A 73 5.00 3.42 18.25
N ARG A 73 4.98 3.41 18.30
CA ARG A 73 3.94 4.38 17.99
CA ARG A 73 3.97 4.43 18.08
C ARG A 73 2.65 3.86 18.61
C ARG A 73 2.60 3.92 18.50
N GLY A 74 1.88 4.76 19.23
CA GLY A 74 0.56 4.42 19.70
C GLY A 74 0.31 4.93 21.11
N LEU A 75 -0.82 4.62 21.72
CA LEU A 75 -1.90 3.81 21.14
C LEU A 75 -3.02 4.76 20.76
N HIS A 76 -3.37 4.83 19.49
CA HIS A 76 -4.28 5.82 18.94
C HIS A 76 -5.54 5.18 18.36
N ALA A 77 -6.70 5.60 18.80
CA ALA A 77 -7.98 5.25 18.20
C ALA A 77 -8.43 6.45 17.37
N GLU A 78 -8.06 6.46 16.09
CA GLU A 78 -8.45 7.52 15.17
C GLU A 78 -9.88 7.27 14.72
N PRO A 79 -10.59 8.31 14.30
CA PRO A 79 -12.02 8.16 14.01
C PRO A 79 -12.36 7.63 12.62
N TRP A 80 -11.75 6.51 12.26
CA TRP A 80 -11.97 5.81 10.99
C TRP A 80 -11.53 4.38 11.16
N ASP A 81 -11.95 3.54 10.23
CA ASP A 81 -11.52 2.15 10.17
C ASP A 81 -10.15 2.09 9.48
N LYS A 82 -9.41 1.01 9.76
CA LYS A 82 -8.07 0.84 9.21
C LYS A 82 -7.81 -0.60 8.79
N TYR A 83 -7.10 -0.74 7.68
CA TYR A 83 -6.57 -2.04 7.24
C TYR A 83 -5.05 -1.88 7.22
N ILE A 84 -4.39 -2.61 8.09
CA ILE A 84 -2.96 -2.46 8.36
C ILE A 84 -2.17 -3.61 7.76
N SER A 85 -1.07 -3.24 7.12
CA SER A 85 -0.21 -4.22 6.50
C SER A 85 1.24 -3.76 6.52
N VAL A 86 2.14 -4.68 6.13
CA VAL A 86 3.54 -4.40 5.93
C VAL A 86 3.91 -4.66 4.48
N ALA A 87 4.58 -3.68 3.86
CA ALA A 87 4.87 -3.70 2.44
C ALA A 87 6.26 -4.17 2.08
N ASP A 88 7.17 -4.27 3.05
CA ASP A 88 8.50 -4.74 2.80
C ASP A 88 8.79 -6.00 3.59
N GLY A 89 10.05 -6.32 3.78
CA GLY A 89 10.43 -7.52 4.50
C GLY A 89 10.49 -7.37 6.01
N GLY A 90 10.04 -6.24 6.54
CA GLY A 90 10.12 -5.98 7.96
C GLY A 90 9.01 -6.57 8.77
N LYS A 91 8.99 -6.25 10.06
CA LYS A 91 7.98 -6.76 10.94
C LYS A 91 7.81 -5.86 12.13
N VAL A 92 6.59 -5.81 12.64
CA VAL A 92 6.25 -5.07 13.84
C VAL A 92 5.48 -5.93 14.81
N LEU A 93 5.57 -5.54 16.08
CA LEU A 93 4.67 -6.06 17.10
C LEU A 93 3.43 -5.17 17.12
N GLY A 94 2.37 -5.64 16.51
CA GLY A 94 1.12 -4.92 16.48
C GLY A 94 0.37 -5.08 17.78
N THR A 95 -0.23 -3.98 18.22
CA THR A 95 -0.85 -3.91 19.54
C THR A 95 -2.13 -3.11 19.47
N TRP A 96 -3.18 -3.65 20.09
CA TRP A 96 -4.51 -3.04 20.07
C TRP A 96 -5.13 -3.06 21.45
N VAL A 97 -5.80 -1.96 21.77
CA VAL A 97 -6.60 -1.84 22.99
C VAL A 97 -7.96 -1.26 22.60
N ASP A 98 -9.03 -1.97 22.93
CA ASP A 98 -10.37 -1.52 22.58
C ASP A 98 -10.74 -0.34 23.48
N LEU A 99 -11.03 0.81 22.89
CA LEU A 99 -11.46 1.98 23.67
C LEU A 99 -12.95 2.31 23.53
N ARG A 100 -13.73 1.38 23.02
CA ARG A 100 -15.15 1.55 22.88
C ARG A 100 -15.86 1.23 24.18
N GLU A 101 -16.81 2.09 24.53
CA GLU A 101 -17.66 1.86 25.68
C GLU A 101 -18.39 0.52 25.53
N GLY A 102 -18.41 -0.24 26.62
CA GLY A 102 -19.07 -1.54 26.66
C GLY A 102 -18.20 -2.59 27.32
N GLU A 103 -18.62 -3.84 27.15
CA GLU A 103 -18.03 -4.96 27.88
C GLU A 103 -16.63 -5.33 27.41
N THR A 104 -16.17 -4.77 26.28
CA THR A 104 -14.82 -5.04 25.78
C THR A 104 -13.86 -3.86 25.98
N PHE A 105 -14.28 -2.82 26.70
CA PHE A 105 -13.41 -1.69 26.96
C PHE A 105 -12.15 -2.18 27.68
N GLY A 106 -10.98 -1.86 27.14
CA GLY A 106 -9.70 -2.27 27.70
C GLY A 106 -9.19 -3.59 27.20
N ASN A 107 -9.99 -4.36 26.45
CA ASN A 107 -9.53 -5.63 25.93
C ASN A 107 -8.39 -5.40 24.95
N THR A 108 -7.50 -6.37 24.85
CA THR A 108 -6.31 -6.20 24.03
C THR A 108 -6.08 -7.37 23.10
N TYR A 109 -5.22 -7.12 22.13
CA TYR A 109 -4.68 -8.16 21.24
C TYR A 109 -3.30 -7.71 20.80
N GLN A 110 -2.40 -8.66 20.58
CA GLN A 110 -1.09 -8.40 20.00
C GLN A 110 -0.74 -9.51 19.04
N THR A 111 -0.05 -9.16 17.97
CA THR A 111 0.45 -10.16 17.02
C THR A 111 1.57 -9.55 16.22
N VAL A 112 2.43 -10.40 15.68
CA VAL A 112 3.45 -9.90 14.76
C VAL A 112 2.85 -9.66 13.38
N ILE A 113 3.00 -8.44 12.88
CA ILE A 113 2.57 -8.09 11.53
C ILE A 113 3.79 -8.07 10.64
N ASP A 114 3.72 -8.84 9.56
CA ASP A 114 4.74 -8.84 8.51
C ASP A 114 3.99 -8.85 7.18
N ALA A 115 4.68 -9.03 6.08
CA ALA A 115 4.02 -8.97 4.78
C ALA A 115 2.95 -10.05 4.58
N SER A 116 3.03 -11.12 5.38
CA SER A 116 2.09 -12.22 5.26
C SER A 116 0.88 -12.16 6.19
N LYS A 117 0.72 -11.06 6.92
CA LYS A 117 -0.39 -10.88 7.85
C LYS A 117 -0.88 -9.46 7.80
N SER A 118 -2.19 -9.28 7.70
N SER A 118 -2.19 -9.27 7.70
CA SER A 118 -2.79 -7.93 7.71
CA SER A 118 -2.75 -7.94 7.78
C SER A 118 -4.00 -7.92 8.64
C SER A 118 -3.85 -7.94 8.84
N ILE A 119 -4.32 -6.75 9.20
CA ILE A 119 -5.29 -6.62 10.29
C ILE A 119 -6.32 -5.56 9.93
N PHE A 120 -7.59 -5.89 10.08
CA PHE A 120 -8.67 -4.91 10.03
C PHE A 120 -9.01 -4.43 11.45
N VAL A 121 -8.94 -3.12 11.66
CA VAL A 121 -9.13 -2.48 12.95
C VAL A 121 -10.35 -1.57 12.89
N PRO A 122 -11.44 -1.90 13.57
CA PRO A 122 -12.61 -1.02 13.55
C PRO A 122 -12.31 0.31 14.26
N ARG A 123 -12.97 1.36 13.82
CA ARG A 123 -12.96 2.63 14.50
C ARG A 123 -13.33 2.42 15.97
N GLY A 124 -12.54 3.03 16.85
CA GLY A 124 -12.71 2.91 18.28
C GLY A 124 -11.71 2.02 18.98
N VAL A 125 -10.98 1.23 18.19
CA VAL A 125 -9.94 0.38 18.73
C VAL A 125 -8.60 1.05 18.54
N ALA A 126 -7.88 1.28 19.63
CA ALA A 126 -6.58 1.95 19.55
C ALA A 126 -5.55 1.03 18.95
N ASN A 127 -4.72 1.60 18.10
CA ASN A 127 -3.71 0.92 17.31
C ASN A 127 -2.33 1.42 17.66
N GLY A 128 -1.36 0.52 17.63
CA GLY A 128 0.03 0.85 17.82
C GLY A 128 0.94 -0.26 17.34
N PHE A 129 2.24 0.00 17.37
CA PHE A 129 3.22 -0.98 16.96
C PHE A 129 4.59 -0.61 17.50
N GLN A 130 5.42 -1.64 17.66
CA GLN A 130 6.85 -1.45 17.86
C GLN A 130 7.60 -2.18 16.75
N VAL A 131 8.56 -1.50 16.14
CA VAL A 131 9.30 -2.07 15.00
C VAL A 131 10.29 -3.09 15.51
N LEU A 132 10.21 -4.33 15.00
CA LEU A 132 11.08 -5.42 15.41
C LEU A 132 12.29 -5.63 14.50
N SER A 133 12.10 -5.42 13.20
CA SER A 133 13.14 -5.54 12.21
C SER A 133 13.97 -4.25 12.17
N ASP A 134 15.04 -4.25 11.38
CA ASP A 134 15.88 -3.06 11.29
C ASP A 134 15.12 -1.84 10.78
N PHE A 135 14.22 -2.08 9.82
CA PHE A 135 13.30 -1.08 9.32
C PHE A 135 12.02 -1.79 8.88
N VAL A 136 10.96 -1.00 8.68
CA VAL A 136 9.71 -1.55 8.19
C VAL A 136 8.94 -0.50 7.40
N ALA A 137 8.27 -0.96 6.35
CA ALA A 137 7.34 -0.16 5.57
C ALA A 137 5.93 -0.56 5.99
N TYR A 138 5.28 0.32 6.73
CA TYR A 138 3.98 0.07 7.36
C TYR A 138 2.96 0.81 6.51
N SER A 139 2.08 0.07 5.84
CA SER A 139 1.17 0.58 4.82
C SER A 139 -0.24 0.29 5.20
N TYR A 140 -1.08 1.31 5.35
CA TYR A 140 -2.45 1.09 5.79
C TYR A 140 -3.44 1.87 4.96
N LEU A 141 -4.67 1.34 4.94
CA LEU A 141 -5.77 1.97 4.25
C LEU A 141 -6.74 2.48 5.32
N VAL A 142 -7.32 3.65 5.10
CA VAL A 142 -8.37 4.19 5.93
C VAL A 142 -9.51 4.67 5.08
N ASN A 143 -10.66 4.82 5.73
CA ASN A 143 -11.89 5.18 5.02
C ASN A 143 -12.50 6.49 5.47
N ASP A 144 -11.68 7.42 5.94
CA ASP A 144 -12.15 8.78 6.15
C ASP A 144 -10.91 9.67 6.17
N TYR A 145 -11.17 10.96 6.09
CA TYR A 145 -10.13 11.98 5.98
C TYR A 145 -10.17 12.87 7.21
N TRP A 146 -9.02 13.41 7.55
N TRP A 146 -9.04 13.51 7.50
CA TRP A 146 -8.94 14.31 8.68
CA TRP A 146 -9.01 14.47 8.59
C TRP A 146 -9.91 15.51 8.52
C TRP A 146 -10.10 15.49 8.44
N ALA A 147 -10.67 15.87 9.58
CA ALA A 147 -11.57 17.02 9.59
C ALA A 147 -11.59 17.58 11.01
N LEU A 148 -11.75 18.89 11.14
CA LEU A 148 -11.75 19.50 12.46
C LEU A 148 -12.85 18.91 13.32
N GLU A 149 -14.01 18.61 12.71
CA GLU A 149 -15.16 18.09 13.44
C GLU A 149 -14.91 16.71 14.01
N LEU A 150 -13.92 15.99 13.48
CA LEU A 150 -13.55 14.66 13.99
C LEU A 150 -12.58 14.67 15.16
N LYS A 151 -11.99 15.83 15.43
CA LYS A 151 -10.97 15.92 16.45
C LYS A 151 -11.45 15.41 17.82
N PRO A 152 -12.64 15.79 18.26
CA PRO A 152 -13.14 15.28 19.55
C PRO A 152 -13.43 13.79 19.59
N LYS A 153 -13.35 13.10 18.46
CA LYS A 153 -13.72 11.69 18.36
C LYS A 153 -12.53 10.76 18.41
N TYR A 154 -11.32 11.32 18.47
CA TYR A 154 -10.14 10.51 18.72
C TYR A 154 -10.12 10.07 20.21
N ALA A 155 -9.50 8.94 20.47
CA ALA A 155 -9.11 8.60 21.84
C ALA A 155 -7.71 8.02 21.77
N PHE A 156 -6.98 8.18 22.86
CA PHE A 156 -5.59 7.78 23.02
C PHE A 156 -5.39 7.09 24.34
N VAL A 157 -4.50 6.10 24.37
CA VAL A 157 -4.09 5.55 25.66
C VAL A 157 -2.59 5.30 25.67
N ASN A 158 -2.01 5.51 26.84
CA ASN A 158 -0.56 5.46 26.99
C ASN A 158 0.02 4.08 26.79
N TYR A 159 1.00 3.97 25.89
CA TYR A 159 1.65 2.71 25.59
C TYR A 159 2.26 2.04 26.82
N ALA A 160 2.64 2.87 27.80
CA ALA A 160 3.40 2.40 28.96
C ALA A 160 2.54 2.24 30.23
N ASP A 161 1.20 2.32 30.10
CA ASP A 161 0.34 2.07 31.26
C ASP A 161 0.49 0.61 31.63
N PRO A 162 1.08 0.30 32.80
CA PRO A 162 1.40 -1.09 33.11
C PRO A 162 0.18 -1.97 33.39
N SER A 163 -0.98 -1.35 33.58
CA SER A 163 -2.21 -2.11 33.77
C SER A 163 -2.83 -2.66 32.50
N LEU A 164 -2.37 -2.21 31.34
CA LEU A 164 -2.84 -2.74 30.06
C LEU A 164 -2.33 -4.16 29.91
N ASP A 165 -3.17 -5.03 29.36
CA ASP A 165 -2.83 -6.41 29.14
C ASP A 165 -2.03 -6.56 27.84
N ILE A 166 -0.87 -5.91 27.81
CA ILE A 166 0.07 -5.92 26.68
C ILE A 166 1.48 -5.93 27.21
N LYS A 167 2.42 -6.35 26.38
CA LYS A 167 3.84 -6.16 26.66
C LYS A 167 4.50 -5.74 25.37
N TRP A 168 5.51 -4.88 25.48
CA TRP A 168 6.29 -4.48 24.34
C TRP A 168 7.59 -5.29 24.25
N GLU A 169 8.17 -5.32 23.05
CA GLU A 169 9.42 -6.04 22.81
C GLU A 169 10.55 -5.43 23.59
N ASN A 170 10.67 -4.13 23.53
CA ASN A 170 11.80 -3.45 24.15
C ASN A 170 11.34 -2.09 24.64
N LEU A 171 10.78 -2.09 25.83
CA LEU A 171 10.27 -0.89 26.41
C LEU A 171 11.45 0.04 26.73
N GLU A 172 12.57 -0.50 27.22
CA GLU A 172 13.76 0.28 27.63
C GLU A 172 14.38 1.12 26.55
N GLU A 173 14.37 0.59 25.32
CA GLU A 173 15.01 1.26 24.19
C GLU A 173 13.99 1.81 23.19
N ALA A 174 12.73 1.86 23.60
CA ALA A 174 11.67 2.34 22.71
C ALA A 174 11.97 3.79 22.30
N GLU A 175 11.69 4.08 21.05
CA GLU A 175 11.81 5.43 20.52
C GLU A 175 10.39 5.95 20.29
N VAL A 176 10.00 6.90 21.13
CA VAL A 176 8.62 7.30 21.27
C VAL A 176 8.49 8.81 21.14
N SER A 177 7.44 9.27 20.48
CA SER A 177 7.20 10.71 20.34
C SER A 177 6.82 11.34 21.68
N GLU A 178 7.02 12.66 21.82
CA GLU A 178 6.58 13.35 23.02
C GLU A 178 5.09 13.20 23.27
N ALA A 179 4.30 13.27 22.21
CA ALA A 179 2.86 13.09 22.35
C ALA A 179 2.53 11.71 22.92
N ASP A 180 3.18 10.67 22.40
CA ASP A 180 2.87 9.31 22.85
C ASP A 180 3.34 9.08 24.28
N GLU A 181 4.38 9.79 24.72
CA GLU A 181 4.79 9.65 26.11
C GLU A 181 3.73 10.15 27.08
N ASN A 182 2.85 11.04 26.61
CA ASN A 182 1.96 11.79 27.48
C ASN A 182 0.46 11.51 27.33
N HIS A 183 0.09 10.50 26.55
CA HIS A 183 -1.31 10.12 26.48
C HIS A 183 -1.78 9.61 27.84
N PRO A 184 -3.08 9.72 28.11
CA PRO A 184 -3.60 9.30 29.42
C PRO A 184 -3.50 7.79 29.61
N PHE A 185 -3.37 7.38 30.87
CA PHE A 185 -3.53 5.99 31.22
C PHE A 185 -4.98 5.59 31.02
N LEU A 186 -5.24 4.27 30.97
CA LEU A 186 -6.58 3.77 30.66
C LEU A 186 -7.63 4.33 31.60
N LYS A 187 -7.29 4.47 32.88
CA LYS A 187 -8.23 4.95 33.90
C LYS A 187 -8.75 6.34 33.60
N ASP A 188 -8.02 7.10 32.80
CA ASP A 188 -8.37 8.47 32.43
C ASP A 188 -8.87 8.63 31.00
N VAL A 189 -9.08 7.53 30.30
CA VAL A 189 -9.69 7.55 28.99
C VAL A 189 -11.21 7.57 29.13
N LYS A 190 -11.86 8.44 28.40
CA LYS A 190 -13.31 8.45 28.32
C LYS A 190 -13.71 7.43 27.22
N PRO A 191 -14.39 6.34 27.58
CA PRO A 191 -14.75 5.34 26.57
C PRO A 191 -15.58 5.95 25.43
N LEU A 192 -15.31 5.50 24.21
CA LEU A 192 -15.96 6.03 23.03
C LEU A 192 -17.36 5.45 22.94
N ARG A 193 -18.34 6.34 22.94
CA ARG A 193 -19.75 5.97 22.94
C ARG A 193 -20.20 5.76 21.51
N LYS A 194 -21.38 5.17 21.34
CA LYS A 194 -21.91 4.90 20.01
C LYS A 194 -21.98 6.20 19.20
N GLU A 195 -22.31 7.30 19.87
CA GLU A 195 -22.36 8.63 19.23
C GLU A 195 -20.98 9.15 18.78
N ASP A 196 -19.91 8.60 19.34
CA ASP A 196 -18.55 9.01 19.01
C ASP A 196 -17.93 8.18 17.88
N LEU A 197 -18.65 7.17 17.39
CA LEU A 197 -18.11 6.21 16.41
C LEU A 197 -18.73 6.40 15.03
N ASN B 4 14.21 17.12 -4.84
CA ASN B 4 14.23 16.64 -3.42
C ASN B 4 13.30 15.45 -3.20
N PHE B 5 13.68 14.59 -2.27
CA PHE B 5 12.85 13.47 -1.84
C PHE B 5 11.81 13.92 -0.81
N PHE B 6 12.24 14.75 0.14
CA PHE B 6 11.38 15.19 1.23
C PHE B 6 10.74 16.54 0.95
N GLY B 7 9.54 16.73 1.47
CA GLY B 7 8.95 18.04 1.54
C GLY B 7 8.41 18.61 0.25
N LYS B 8 8.19 17.79 -0.78
CA LYS B 8 7.62 18.30 -2.02
C LYS B 8 6.15 18.62 -1.82
N THR B 9 5.65 19.55 -2.61
CA THR B 9 4.23 19.85 -2.72
C THR B 9 3.54 18.78 -3.55
N LEU B 10 2.36 18.38 -3.13
CA LEU B 10 1.55 17.42 -3.88
C LEU B 10 1.18 18.04 -5.22
N ALA B 11 1.56 17.38 -6.30
CA ALA B 11 1.38 17.96 -7.64
C ALA B 11 1.27 16.83 -8.65
N ALA B 12 0.64 17.14 -9.78
CA ALA B 12 0.46 16.21 -10.88
C ALA B 12 0.99 16.86 -12.14
N ARG B 13 1.67 16.06 -12.95
CA ARG B 13 2.07 16.46 -14.29
C ARG B 13 1.61 15.41 -15.31
N PRO B 14 0.93 15.83 -16.36
CA PRO B 14 0.65 14.86 -17.42
C PRO B 14 1.93 14.41 -18.08
N VAL B 15 1.93 13.19 -18.58
CA VAL B 15 3.01 12.66 -19.40
C VAL B 15 2.53 12.78 -20.88
N GLU B 16 3.00 13.81 -21.56
CA GLU B 16 2.41 14.20 -22.84
C GLU B 16 2.52 13.12 -23.91
N ALA B 17 3.58 12.31 -23.88
CA ALA B 17 3.73 11.18 -24.81
C ALA B 17 2.69 10.06 -24.63
N ILE B 18 2.09 9.93 -23.44
CA ILE B 18 1.16 8.85 -23.21
C ILE B 18 -0.13 9.43 -22.64
N PRO B 19 -1.13 9.72 -23.53
CA PRO B 19 -2.38 10.32 -23.04
C PRO B 19 -2.99 9.57 -21.85
N GLY B 20 -3.34 10.30 -20.79
CA GLY B 20 -3.99 9.76 -19.61
C GLY B 20 -3.00 9.47 -18.52
N MET B 21 -1.73 9.30 -18.85
CA MET B 21 -0.74 9.09 -17.79
C MET B 21 -0.45 10.37 -16.99
N LEU B 22 -0.28 10.20 -15.68
CA LEU B 22 0.01 11.31 -14.76
C LEU B 22 1.16 10.92 -13.83
N GLU B 23 2.08 11.83 -13.62
CA GLU B 23 3.14 11.66 -12.64
C GLU B 23 2.85 12.59 -11.48
N PHE B 24 3.00 12.07 -10.27
CA PHE B 24 2.75 12.86 -9.06
C PHE B 24 4.00 13.00 -8.22
N ASP B 25 4.17 14.20 -7.66
CA ASP B 25 5.03 14.40 -6.51
C ASP B 25 4.21 14.18 -5.25
N ILE B 26 4.73 13.38 -4.33
CA ILE B 26 4.08 13.05 -3.07
C ILE B 26 4.88 13.69 -1.94
N PRO B 27 4.24 14.44 -1.05
CA PRO B 27 4.94 14.97 0.13
C PRO B 27 5.36 13.83 1.08
N VAL B 28 6.65 13.75 1.36
CA VAL B 28 7.21 12.79 2.30
C VAL B 28 7.86 13.60 3.40
N HIS B 29 7.48 13.30 4.64
CA HIS B 29 7.89 14.08 5.80
C HIS B 29 8.78 13.29 6.70
N GLY B 30 9.99 13.78 6.94
CA GLY B 30 10.92 13.10 7.82
C GLY B 30 12.32 13.24 7.26
N ASP B 31 13.10 12.18 7.42
CA ASP B 31 14.47 12.16 6.98
C ASP B 31 14.86 10.70 6.81
N ASN B 32 16.16 10.49 6.68
CA ASN B 32 16.77 9.19 6.52
C ASN B 32 16.37 8.17 7.57
N ARG B 33 16.17 8.65 8.79
CA ARG B 33 15.87 7.81 9.94
C ARG B 33 14.45 7.26 9.90
N GLY B 34 13.55 7.95 9.20
CA GLY B 34 12.14 7.59 9.24
C GLY B 34 11.29 8.67 8.64
N TRP B 35 10.20 8.27 8.02
CA TRP B 35 9.33 9.23 7.37
C TRP B 35 7.93 8.71 7.21
N PHE B 36 7.04 9.59 6.79
CA PHE B 36 5.63 9.30 6.60
C PHE B 36 5.14 9.99 5.34
N LYS B 37 4.19 9.37 4.67
CA LYS B 37 3.50 10.00 3.56
C LYS B 37 2.05 9.54 3.49
N GLU B 38 1.22 10.40 2.91
CA GLU B 38 -0.06 10.00 2.37
C GLU B 38 0.23 9.53 0.94
N ASN B 39 0.32 8.22 0.75
CA ASN B 39 0.62 7.68 -0.56
C ASN B 39 -0.49 7.93 -1.57
N PHE B 40 -1.73 7.89 -1.11
CA PHE B 40 -2.88 8.15 -1.94
C PHE B 40 -3.97 8.73 -1.05
N GLN B 41 -4.48 9.89 -1.44
CA GLN B 41 -5.56 10.54 -0.67
C GLN B 41 -6.57 10.97 -1.71
N LYS B 42 -7.68 10.25 -1.80
CA LYS B 42 -8.59 10.36 -2.94
C LYS B 42 -9.14 11.77 -3.11
N GLU B 43 -9.51 12.40 -2.00
CA GLU B 43 -10.09 13.74 -2.04
C GLU B 43 -9.11 14.80 -2.52
N LYS B 44 -7.82 14.60 -2.24
CA LYS B 44 -6.78 15.53 -2.69
C LYS B 44 -6.36 15.24 -4.14
N MET B 45 -6.50 14.00 -4.57
CA MET B 45 -6.01 13.58 -5.89
C MET B 45 -6.98 13.89 -7.02
N LEU B 46 -8.28 13.75 -6.77
CA LEU B 46 -9.26 14.04 -7.82
C LEU B 46 -9.12 15.45 -8.40
N PRO B 47 -9.07 16.50 -7.59
CA PRO B 47 -8.90 17.86 -8.17
C PRO B 47 -7.56 18.10 -8.87
N LEU B 48 -6.54 17.25 -8.64
CA LEU B 48 -5.29 17.31 -9.42
C LEU B 48 -5.32 16.58 -10.73
N GLY B 49 -6.43 15.89 -11.03
CA GLY B 49 -6.58 15.23 -12.31
C GLY B 49 -6.58 13.71 -12.24
N PHE B 50 -6.38 13.13 -11.06
CA PHE B 50 -6.54 11.69 -10.95
C PHE B 50 -7.96 11.33 -11.41
N PRO B 51 -8.13 10.42 -12.35
CA PRO B 51 -9.45 10.28 -13.00
C PRO B 51 -10.49 9.61 -12.13
N GLU B 52 -11.66 10.24 -12.05
CA GLU B 52 -12.78 9.68 -11.29
C GLU B 52 -13.21 8.33 -11.87
N SER B 53 -12.99 8.13 -13.16
CA SER B 53 -13.27 6.85 -13.81
C SER B 53 -12.55 5.67 -13.15
N PHE B 54 -11.43 5.92 -12.48
CA PHE B 54 -10.72 4.84 -11.81
C PHE B 54 -11.65 4.13 -10.83
N PHE B 55 -12.55 4.89 -10.21
CA PHE B 55 -13.43 4.39 -9.17
C PHE B 55 -14.80 3.96 -9.66
N ALA B 56 -15.07 4.07 -10.96
CA ALA B 56 -16.42 3.91 -11.48
C ALA B 56 -17.07 2.57 -11.10
N GLU B 57 -16.31 1.49 -11.18
CA GLU B 57 -16.89 0.16 -10.96
C GLU B 57 -16.79 -0.32 -9.49
N GLY B 58 -16.18 0.48 -8.63
CA GLY B 58 -16.05 0.16 -7.20
C GLY B 58 -15.11 -0.98 -6.89
N LYS B 59 -14.14 -1.22 -7.76
CA LYS B 59 -13.22 -2.33 -7.58
C LYS B 59 -11.89 -1.82 -7.06
N LEU B 60 -11.25 -2.60 -6.19
CA LEU B 60 -10.00 -2.19 -5.60
C LEU B 60 -9.14 -3.39 -5.23
N GLN B 61 -7.88 -3.30 -5.61
CA GLN B 61 -6.87 -4.29 -5.25
C GLN B 61 -5.53 -3.58 -5.08
N ASN B 62 -4.77 -3.99 -4.07
CA ASN B 62 -3.42 -3.49 -3.81
C ASN B 62 -2.46 -4.66 -3.90
N ASN B 63 -1.53 -4.58 -4.85
CA ASN B 63 -0.46 -5.55 -5.00
C ASN B 63 0.85 -4.94 -4.53
N VAL B 64 1.73 -5.78 -3.98
CA VAL B 64 3.08 -5.38 -3.60
C VAL B 64 4.05 -6.42 -4.13
N SER B 65 5.11 -5.93 -4.76
CA SER B 65 6.25 -6.78 -5.05
C SER B 65 7.48 -6.23 -4.33
N PHE B 66 8.23 -7.12 -3.73
CA PHE B 66 9.46 -6.80 -3.02
C PHE B 66 10.56 -7.44 -3.82
N SER B 67 11.43 -6.62 -4.39
CA SER B 67 12.37 -7.06 -5.42
C SER B 67 13.76 -6.50 -5.18
N ARG B 68 14.78 -7.20 -5.66
CA ARG B 68 16.17 -6.84 -5.42
C ARG B 68 16.80 -6.13 -6.61
N LYS B 69 17.93 -5.48 -6.33
CA LYS B 69 18.68 -4.72 -7.31
C LYS B 69 18.86 -5.53 -8.57
N ASN B 70 18.63 -4.86 -9.70
CA ASN B 70 18.86 -5.37 -11.05
C ASN B 70 17.77 -6.25 -11.59
N VAL B 71 16.79 -6.59 -10.76
CA VAL B 71 15.56 -7.18 -11.28
C VAL B 71 14.94 -6.22 -12.28
N LEU B 72 14.49 -6.77 -13.40
CA LEU B 72 13.91 -5.98 -14.47
C LEU B 72 12.69 -6.76 -14.92
N ARG B 73 11.53 -6.14 -14.75
CA ARG B 73 10.23 -6.74 -15.04
C ARG B 73 9.49 -5.90 -16.06
N GLY B 74 8.82 -6.55 -16.98
CA GLY B 74 7.99 -5.88 -17.96
C GLY B 74 8.18 -6.44 -19.35
N LEU B 75 7.56 -5.83 -20.36
CA LEU B 75 6.69 -4.66 -20.25
C LEU B 75 5.28 -5.19 -20.44
N HIS B 76 4.40 -4.95 -19.44
CA HIS B 76 3.08 -5.59 -19.42
C HIS B 76 1.97 -4.56 -19.41
N ALA B 77 1.05 -4.65 -20.36
CA ALA B 77 -0.20 -3.87 -20.36
C ALA B 77 -1.30 -4.80 -19.91
N GLU B 78 -2.03 -4.39 -18.87
CA GLU B 78 -3.00 -5.28 -18.23
C GLU B 78 -4.39 -4.68 -18.33
N PRO B 79 -5.44 -5.45 -18.01
CA PRO B 79 -6.82 -4.97 -18.20
C PRO B 79 -7.34 -3.86 -17.33
N TRP B 80 -6.46 -3.29 -16.51
CA TRP B 80 -6.89 -2.41 -15.45
C TRP B 80 -5.94 -1.24 -15.40
N ASP B 81 -6.46 -0.14 -14.84
CA ASP B 81 -5.64 1.04 -14.55
C ASP B 81 -4.80 0.77 -13.31
N LYS B 82 -3.69 1.49 -13.17
CA LYS B 82 -2.75 1.27 -12.08
C LYS B 82 -2.27 2.59 -11.49
N TYR B 83 -2.17 2.63 -10.16
CA TYR B 83 -1.52 3.73 -9.46
C TYR B 83 -0.32 3.14 -8.75
N ILE B 84 0.86 3.50 -9.21
CA ILE B 84 2.12 2.87 -8.80
C ILE B 84 2.95 3.78 -7.91
N SER B 85 3.49 3.16 -6.87
N SER B 85 3.41 3.28 -6.76
CA SER B 85 4.25 3.86 -5.86
CA SER B 85 4.47 3.99 -6.02
C SER B 85 5.32 2.96 -5.27
C SER B 85 5.34 2.98 -5.29
N VAL B 86 6.21 3.53 -4.46
CA VAL B 86 7.18 2.78 -3.69
C VAL B 86 6.86 3.02 -2.22
N ALA B 87 6.90 1.96 -1.41
CA ALA B 87 6.51 2.01 -0.01
C ALA B 87 7.66 2.02 0.94
N ASP B 88 8.87 1.74 0.48
CA ASP B 88 10.05 1.77 1.35
C ASP B 88 11.05 2.78 0.86
N GLY B 89 12.30 2.65 1.26
CA GLY B 89 13.37 3.55 0.85
C GLY B 89 13.99 3.28 -0.50
N GLY B 90 13.45 2.32 -1.26
CA GLY B 90 14.08 1.93 -2.53
C GLY B 90 13.68 2.78 -3.70
N LYS B 91 14.14 2.36 -4.87
CA LYS B 91 13.85 3.08 -6.08
C LYS B 91 13.97 2.21 -7.29
N VAL B 92 13.17 2.54 -8.29
CA VAL B 92 13.17 1.85 -9.56
C VAL B 92 13.25 2.84 -10.71
N LEU B 93 13.73 2.36 -11.85
CA LEU B 93 13.56 3.05 -13.09
C LEU B 93 12.27 2.52 -13.69
N GLY B 94 11.25 3.36 -13.67
CA GLY B 94 9.98 3.01 -14.27
C GLY B 94 10.01 3.26 -15.77
N THR B 95 9.34 2.40 -16.51
CA THR B 95 9.36 2.45 -17.98
C THR B 95 8.00 2.10 -18.50
N TRP B 96 7.53 2.87 -19.48
CA TRP B 96 6.20 2.70 -20.00
C TRP B 96 6.28 2.78 -21.52
N VAL B 97 5.47 1.93 -22.10
CA VAL B 97 5.27 1.96 -23.52
C VAL B 97 3.76 1.95 -23.79
N ASP B 98 3.27 2.92 -24.54
CA ASP B 98 1.86 2.96 -24.87
C ASP B 98 1.57 1.88 -25.91
N LEU B 99 0.70 0.93 -25.55
CA LEU B 99 0.32 -0.14 -26.51
C LEU B 99 -1.10 0.00 -27.08
N ARG B 100 -1.69 1.17 -26.89
CA ARG B 100 -3.03 1.46 -27.39
C ARG B 100 -3.02 1.95 -28.82
N GLU B 101 -3.92 1.39 -29.66
CA GLU B 101 -4.10 1.77 -31.05
C GLU B 101 -4.46 3.26 -31.28
N GLY B 102 -3.86 3.87 -32.32
CA GLY B 102 -3.92 5.33 -32.56
C GLY B 102 -2.49 5.88 -32.66
N GLU B 103 -2.41 7.24 -32.80
CA GLU B 103 -1.12 8.05 -32.87
C GLU B 103 -0.02 7.76 -31.75
N THR B 104 -0.41 7.46 -30.51
CA THR B 104 0.64 7.39 -29.47
C THR B 104 1.14 5.96 -29.18
N PHE B 105 0.72 4.99 -29.98
CA PHE B 105 1.28 3.64 -29.91
C PHE B 105 2.78 3.65 -30.09
N GLY B 106 3.45 2.94 -29.16
CA GLY B 106 4.89 2.84 -29.09
C GLY B 106 5.57 3.95 -28.23
N ASN B 107 4.81 5.01 -27.94
CA ASN B 107 5.39 6.12 -27.19
C ASN B 107 5.81 5.64 -25.83
N THR B 108 6.86 6.25 -25.30
CA THR B 108 7.52 5.76 -24.14
C THR B 108 7.70 6.93 -23.24
N TYR B 109 7.87 6.54 -21.98
CA TYR B 109 8.31 7.46 -20.98
C TYR B 109 9.09 6.60 -20.00
N GLN B 110 10.07 7.22 -19.36
CA GLN B 110 10.79 6.64 -18.23
C GLN B 110 11.03 7.67 -17.18
N THR B 111 10.98 7.26 -15.91
CA THR B 111 11.34 8.14 -14.82
C THR B 111 11.69 7.27 -13.63
N VAL B 112 12.48 7.82 -12.71
CA VAL B 112 12.79 7.14 -11.46
C VAL B 112 11.60 7.28 -10.51
N ILE B 113 11.11 6.16 -10.00
CA ILE B 113 10.07 6.14 -8.99
C ILE B 113 10.72 5.77 -7.65
N ASP B 114 10.49 6.61 -6.64
CA ASP B 114 10.80 6.31 -5.26
C ASP B 114 9.57 6.69 -4.42
N ALA B 115 9.67 6.66 -3.10
CA ALA B 115 8.49 6.91 -2.28
C ALA B 115 7.90 8.29 -2.47
N SER B 116 8.68 9.24 -3.02
CA SER B 116 8.22 10.61 -3.24
C SER B 116 7.59 10.86 -4.61
N LYS B 117 7.43 9.79 -5.41
CA LYS B 117 6.83 9.93 -6.74
C LYS B 117 5.84 8.78 -6.94
N SER B 118 4.75 9.06 -7.64
N SER B 118 4.76 9.06 -7.64
CA SER B 118 3.83 8.01 -8.03
CA SER B 118 3.84 8.00 -8.07
C SER B 118 3.30 8.28 -9.44
C SER B 118 3.42 8.25 -9.50
N ILE B 119 2.80 7.23 -10.07
CA ILE B 119 2.41 7.28 -11.49
C ILE B 119 1.07 6.64 -11.67
N PHE B 120 0.20 7.32 -12.43
CA PHE B 120 -1.04 6.72 -12.88
C PHE B 120 -0.82 6.23 -14.31
N VAL B 121 -1.09 4.95 -14.48
CA VAL B 121 -0.89 4.25 -15.74
C VAL B 121 -2.24 3.77 -16.29
N PRO B 122 -2.76 4.38 -17.35
CA PRO B 122 -4.03 3.91 -17.90
C PRO B 122 -3.92 2.49 -18.44
N ARG B 123 -5.01 1.74 -18.33
CA ARG B 123 -5.09 0.43 -18.96
C ARG B 123 -4.69 0.55 -20.44
N GLY B 124 -3.94 -0.46 -20.92
CA GLY B 124 -3.40 -0.46 -22.26
C GLY B 124 -2.02 0.12 -22.45
N VAL B 125 -1.46 0.76 -21.42
CA VAL B 125 -0.09 1.24 -21.43
C VAL B 125 0.75 0.19 -20.73
N ALA B 126 1.78 -0.27 -21.41
CA ALA B 126 2.64 -1.30 -20.83
C ALA B 126 3.54 -0.70 -19.75
N ASN B 127 3.69 -1.45 -18.67
CA ASN B 127 4.41 -1.05 -17.48
C ASN B 127 5.57 -1.99 -17.17
N GLY B 128 6.66 -1.42 -16.69
CA GLY B 128 7.79 -2.19 -16.26
C GLY B 128 8.68 -1.38 -15.36
N PHE B 129 9.68 -2.05 -14.80
CA PHE B 129 10.63 -1.38 -13.91
C PHE B 129 11.92 -2.16 -13.80
N GLN B 130 13.00 -1.46 -13.48
CA GLN B 130 14.25 -2.10 -13.08
C GLN B 130 14.64 -1.56 -11.74
N VAL B 131 14.99 -2.45 -10.82
CA VAL B 131 15.29 -2.05 -9.46
C VAL B 131 16.72 -1.45 -9.38
N LEU B 132 16.81 -0.24 -8.84
CA LEU B 132 18.09 0.50 -8.74
C LEU B 132 18.73 0.41 -7.38
N SER B 133 17.92 0.29 -6.34
CA SER B 133 18.37 0.16 -4.95
C SER B 133 18.58 -1.29 -4.61
N ASP B 134 19.12 -1.58 -3.45
CA ASP B 134 19.36 -2.95 -3.08
C ASP B 134 18.08 -3.77 -3.03
N PHE B 135 17.01 -3.20 -2.50
CA PHE B 135 15.65 -3.77 -2.57
C PHE B 135 14.67 -2.64 -2.75
N VAL B 136 13.46 -3.00 -3.13
CA VAL B 136 12.39 -2.02 -3.21
C VAL B 136 11.06 -2.71 -2.95
N ALA B 137 10.17 -1.98 -2.29
CA ALA B 137 8.79 -2.37 -2.06
C ALA B 137 7.91 -1.55 -3.00
N TYR B 138 7.46 -2.22 -4.05
CA TYR B 138 6.72 -1.62 -5.15
C TYR B 138 5.24 -1.91 -4.93
N SER B 139 4.47 -0.89 -4.61
CA SER B 139 3.10 -1.04 -4.15
C SER B 139 2.16 -0.32 -5.08
N TYR B 140 1.17 -1.03 -5.61
CA TYR B 140 0.28 -0.40 -6.58
C TYR B 140 -1.16 -0.76 -6.36
N LEU B 141 -2.04 0.15 -6.77
CA LEU B 141 -3.48 -0.02 -6.69
C LEU B 141 -4.02 -0.24 -8.08
N VAL B 142 -4.94 -1.19 -8.21
CA VAL B 142 -5.61 -1.43 -9.50
C VAL B 142 -7.11 -1.47 -9.28
N ASN B 143 -7.84 -1.34 -10.38
CA ASN B 143 -9.29 -1.19 -10.36
C ASN B 143 -10.06 -2.27 -11.14
N ASP B 144 -9.48 -3.44 -11.28
CA ASP B 144 -10.19 -4.60 -11.76
C ASP B 144 -9.45 -5.85 -11.31
N TYR B 145 -10.09 -7.00 -11.45
CA TYR B 145 -9.58 -8.28 -11.00
C TYR B 145 -9.44 -9.22 -12.17
N TRP B 146 -8.55 -10.19 -12.05
CA TRP B 146 -8.43 -11.20 -13.07
C TRP B 146 -9.76 -11.87 -13.37
N ALA B 147 -10.03 -12.05 -14.66
CA ALA B 147 -11.14 -12.86 -15.11
C ALA B 147 -10.73 -13.37 -16.46
N LEU B 148 -11.14 -14.58 -16.74
CA LEU B 148 -10.80 -15.21 -17.99
C LEU B 148 -11.11 -14.21 -19.14
N GLU B 149 -12.28 -13.58 -19.08
CA GLU B 149 -12.81 -12.84 -20.22
C GLU B 149 -11.98 -11.60 -20.52
N LEU B 150 -11.11 -11.23 -19.59
CA LEU B 150 -10.22 -10.12 -19.82
C LEU B 150 -8.94 -10.50 -20.56
N LYS B 151 -8.73 -11.79 -20.85
CA LYS B 151 -7.51 -12.23 -21.53
C LYS B 151 -7.13 -11.40 -22.77
N PRO B 152 -8.09 -11.03 -23.63
CA PRO B 152 -7.78 -10.17 -24.79
C PRO B 152 -7.35 -8.73 -24.48
N LYS B 153 -7.58 -8.26 -23.27
CA LYS B 153 -7.14 -6.93 -22.85
C LYS B 153 -5.64 -6.87 -22.49
N TYR B 154 -4.96 -8.03 -22.37
CA TYR B 154 -3.53 -8.00 -22.11
C TYR B 154 -2.73 -7.82 -23.38
N ALA B 155 -1.67 -7.02 -23.30
CA ALA B 155 -0.62 -7.03 -24.30
C ALA B 155 0.75 -6.97 -23.62
N PHE B 156 1.77 -7.44 -24.30
CA PHE B 156 3.14 -7.50 -23.77
C PHE B 156 4.12 -7.04 -24.82
N VAL B 157 5.18 -6.37 -24.42
CA VAL B 157 6.25 -6.04 -25.35
C VAL B 157 7.59 -6.28 -24.66
N ASN B 158 8.54 -6.76 -25.43
CA ASN B 158 9.82 -7.10 -24.87
C ASN B 158 10.63 -5.92 -24.40
N TYR B 159 11.15 -6.04 -23.21
CA TYR B 159 11.93 -5.01 -22.57
C TYR B 159 13.17 -4.57 -23.33
N ALA B 160 13.83 -5.52 -24.03
CA ALA B 160 15.12 -5.30 -24.70
C ALA B 160 14.94 -5.01 -26.15
N ASP B 161 13.72 -4.73 -26.61
CA ASP B 161 13.60 -4.49 -28.07
C ASP B 161 14.41 -3.23 -28.32
N PRO B 162 15.46 -3.29 -29.15
CA PRO B 162 16.32 -2.12 -29.38
C PRO B 162 15.63 -0.92 -30.05
N SER B 163 14.41 -1.11 -30.59
CA SER B 163 13.73 -0.03 -31.30
C SER B 163 12.95 0.84 -30.32
N LEU B 164 12.69 0.34 -29.13
CA LEU B 164 11.96 1.13 -28.11
C LEU B 164 12.79 2.26 -27.55
N ASP B 165 12.18 3.42 -27.40
CA ASP B 165 12.89 4.66 -27.10
C ASP B 165 13.04 4.73 -25.60
N ILE B 166 13.74 3.72 -25.10
CA ILE B 166 14.03 3.54 -23.71
C ILE B 166 15.47 3.08 -23.56
N LYS B 167 15.98 3.28 -22.37
CA LYS B 167 17.30 2.84 -21.95
C LYS B 167 17.18 2.26 -20.54
N TRP B 168 17.67 1.05 -20.38
CA TRP B 168 17.77 0.42 -19.08
C TRP B 168 19.19 0.57 -18.50
N GLU B 169 19.32 0.40 -17.19
CA GLU B 169 20.67 0.36 -16.59
C GLU B 169 21.30 -0.99 -16.76
N ASN B 170 22.62 -1.01 -17.01
CA ASN B 170 23.44 -2.20 -16.80
C ASN B 170 22.79 -3.51 -17.22
N LEU B 171 22.33 -3.58 -18.47
CA LEU B 171 21.53 -4.71 -18.98
C LEU B 171 22.23 -6.04 -18.81
N GLU B 172 23.55 -5.99 -18.87
CA GLU B 172 24.40 -7.14 -18.65
C GLU B 172 24.09 -7.86 -17.35
N GLU B 173 23.69 -7.12 -16.33
CA GLU B 173 23.46 -7.67 -14.99
C GLU B 173 21.98 -7.79 -14.63
N ALA B 174 21.10 -7.52 -15.59
CA ALA B 174 19.68 -7.57 -15.35
C ALA B 174 19.23 -9.00 -15.06
N GLU B 175 18.31 -9.11 -14.11
CA GLU B 175 17.70 -10.36 -13.70
C GLU B 175 16.28 -10.36 -14.25
N VAL B 176 16.08 -11.10 -15.32
CA VAL B 176 14.85 -11.08 -16.12
C VAL B 176 14.26 -12.49 -16.16
N SER B 177 12.94 -12.58 -16.02
CA SER B 177 12.28 -13.88 -16.10
C SER B 177 12.30 -14.44 -17.51
N GLU B 178 12.21 -15.76 -17.63
CA GLU B 178 12.11 -16.40 -18.94
C GLU B 178 10.93 -15.84 -19.74
N ALA B 179 9.79 -15.67 -19.08
CA ALA B 179 8.60 -15.13 -19.75
C ALA B 179 8.89 -13.75 -20.30
N ASP B 180 9.52 -12.89 -19.51
CA ASP B 180 9.81 -11.53 -19.98
C ASP B 180 10.84 -11.53 -21.10
N GLU B 181 11.76 -12.48 -21.09
CA GLU B 181 12.76 -12.54 -22.17
C GLU B 181 12.11 -12.84 -23.52
N ASN B 182 10.95 -13.49 -23.47
CA ASN B 182 10.28 -13.97 -24.68
C ASN B 182 9.01 -13.23 -25.12
N HIS B 183 8.70 -12.10 -24.52
CA HIS B 183 7.57 -11.33 -25.00
C HIS B 183 7.84 -10.87 -26.45
N PRO B 184 6.78 -10.67 -27.23
CA PRO B 184 6.95 -10.31 -28.65
C PRO B 184 7.53 -8.92 -28.82
N PHE B 185 8.18 -8.73 -29.98
CA PHE B 185 8.68 -7.40 -30.46
C PHE B 185 7.56 -6.52 -31.02
N LEU B 186 7.77 -5.20 -30.87
CA LEU B 186 6.73 -4.19 -31.06
C LEU B 186 5.99 -4.43 -32.38
N LYS B 187 6.74 -4.73 -33.42
CA LYS B 187 6.10 -4.96 -34.70
C LYS B 187 5.17 -6.20 -34.77
N ASP B 188 5.33 -7.13 -33.84
CA ASP B 188 4.41 -8.25 -33.67
C ASP B 188 3.27 -8.08 -32.64
N VAL B 189 3.29 -6.99 -31.88
CA VAL B 189 2.23 -6.65 -30.93
C VAL B 189 1.00 -6.22 -31.74
N LYS B 190 -0.14 -6.88 -31.54
CA LYS B 190 -1.41 -6.31 -31.97
C LYS B 190 -1.85 -5.10 -31.10
N PRO B 191 -1.88 -3.88 -31.66
CA PRO B 191 -2.34 -2.74 -30.86
C PRO B 191 -3.71 -2.97 -30.27
N LEU B 192 -3.92 -2.52 -29.02
CA LEU B 192 -5.16 -2.71 -28.30
C LEU B 192 -6.17 -1.65 -28.70
N ARG B 193 -7.36 -2.10 -29.09
CA ARG B 193 -8.38 -1.15 -29.47
C ARG B 193 -9.01 -0.56 -28.21
N LYS B 194 -9.29 0.74 -28.25
CA LYS B 194 -9.82 1.47 -27.10
C LYS B 194 -11.17 0.95 -26.65
N GLU B 195 -11.96 0.52 -27.63
CA GLU B 195 -13.30 -0.04 -27.41
C GLU B 195 -13.24 -1.45 -26.83
N ASP B 196 -12.08 -2.09 -26.95
CA ASP B 196 -11.87 -3.42 -26.39
C ASP B 196 -11.39 -3.35 -24.92
N LEU B 197 -10.89 -2.18 -24.50
CA LEU B 197 -10.38 -1.97 -23.14
C LEU B 197 -11.52 -1.78 -22.14
#